data_6GJ2
#
_entry.id   6GJ2
#
_cell.length_a   126.020
_cell.length_b   126.020
_cell.length_c   105.910
_cell.angle_alpha   90.000
_cell.angle_beta   90.000
_cell.angle_gamma   120.000
#
_symmetry.space_group_name_H-M   'H 3'
#
loop_
_entity.id
_entity.type
_entity.pdbx_description
1 polymer 'Purple acid phosphatase'
2 branched 2-acetamido-2-deoxy-beta-D-glucopyranose-(1-4)-2-acetamido-2-deoxy-beta-D-glucopyranose
3 non-polymer 'FE (III) ION'
4 non-polymer 2-acetamido-2-deoxy-beta-D-glucopyranose
5 non-polymer DI(HYDROXYETHYL)ETHER
6 non-polymer 'TRIETHYLENE GLYCOL'
7 non-polymer 'PHOSPHATE ION'
8 non-polymer 'TETRAETHYLENE GLYCOL'
9 non-polymer 1,2-ETHANEDIOL
10 non-polymer D-MYO-INOSITOL-HEXASULPHATE
11 water water
#
_entity_poly.entity_id   1
_entity_poly.type   'polypeptide(L)'
_entity_poly.pdbx_seq_one_letter_code
;EPASTLEGPSRPVTVPLREDRGHAVDLPDTDPRVQRRVTGWAPEQIAVALSAAPTSAWVSWITGDFQMGGAVKPLDPGTV
GSVVRYGLAADSLVREATGDALVYSQLYPFEGLQNYTSGIIHHVRLQGLEPGTKYYYQCGDPSIPGAMSAVHAFRTMPAV
GPRSYPGRIAVVGDLGLTYNTTSTVEHMASNQPDLVLLLGDVSYANLYLTNGTGTDCYSCSFAKSTPIHETYQPRWDYWG
RYMEPVTSSTPMMVVEGNHEIEQQIGNKTFAAYSARFAFPSMESESFSPFYYSFDAGGIHFIMLAAYADYSKSGEQYRWL
EKDLAKVDRSVTPWLVAGWHAPWYSTYKAHYREAECMRVAMEELLYSYGLDIVFTGHVHAYERSNRVFNYTLDPCGAVHI
SVGDGGNREKMATTHADDPGRCPEPMSTPDAFMGGFCAFNFTSGPAAGSFCWDRQPDYSAYRESSFGHGILEVKNETHAL
WKWHRNQDLYQGAVGDEIYIVREPERCLLKHHHHHH
;
_entity_poly.pdbx_strand_id   A
#
# COMPACT_ATOMS: atom_id res chain seq x y z
N GLU A 1 -29.71 -3.06 7.38
CA GLU A 1 -28.27 -3.20 7.57
C GLU A 1 -27.73 -4.42 6.81
N PRO A 2 -26.46 -4.36 6.39
CA PRO A 2 -25.83 -5.53 5.75
C PRO A 2 -25.53 -6.66 6.73
N ALA A 3 -24.96 -7.74 6.21
CA ALA A 3 -24.48 -8.82 7.06
C ALA A 3 -23.39 -8.30 7.99
N SER A 4 -23.06 -9.11 8.99
CA SER A 4 -21.98 -8.77 9.89
C SER A 4 -21.30 -10.06 10.35
N THR A 5 -20.07 -9.92 10.84
CA THR A 5 -19.32 -11.07 11.30
C THR A 5 -19.91 -11.68 12.57
N LEU A 6 -20.79 -10.96 13.28
CA LEU A 6 -21.41 -11.54 14.46
C LEU A 6 -22.19 -12.81 14.12
N GLU A 7 -22.68 -12.90 12.89
CA GLU A 7 -23.46 -14.06 12.48
C GLU A 7 -22.62 -15.33 12.39
N GLY A 8 -21.30 -15.21 12.54
CA GLY A 8 -20.41 -16.31 12.26
C GLY A 8 -19.98 -16.29 10.81
N PRO A 9 -19.24 -17.30 10.38
CA PRO A 9 -18.73 -17.28 9.00
C PRO A 9 -19.86 -17.52 8.01
N SER A 10 -19.72 -16.95 6.82
CA SER A 10 -20.70 -17.17 5.77
C SER A 10 -20.23 -18.28 4.82
N ARG A 11 -21.18 -18.87 4.12
CA ARG A 11 -20.84 -19.87 3.12
C ARG A 11 -20.07 -19.22 1.98
N PRO A 12 -18.96 -19.80 1.53
CA PRO A 12 -18.13 -19.13 0.52
C PRO A 12 -18.89 -18.80 -0.75
N VAL A 13 -18.54 -17.65 -1.32
CA VAL A 13 -19.12 -17.16 -2.58
C VAL A 13 -17.99 -16.88 -3.56
N THR A 14 -18.13 -17.42 -4.78
CA THR A 14 -17.28 -17.04 -5.90
C THR A 14 -18.14 -16.36 -6.94
N VAL A 15 -17.74 -15.18 -7.37
CA VAL A 15 -18.47 -14.42 -8.37
C VAL A 15 -17.99 -14.88 -9.76
N PRO A 16 -18.88 -15.33 -10.63
CA PRO A 16 -18.46 -15.85 -11.94
C PRO A 16 -17.68 -14.81 -12.74
N LEU A 17 -16.73 -15.31 -13.54
CA LEU A 17 -15.87 -14.43 -14.33
C LEU A 17 -16.64 -13.74 -15.45
N ARG A 18 -16.18 -12.55 -15.82
CA ARG A 18 -16.72 -11.84 -16.99
C ARG A 18 -16.07 -12.37 -18.27
N HIS A 23 -5.57 -7.39 -21.24
CA HIS A 23 -4.90 -6.69 -20.16
C HIS A 23 -5.27 -5.22 -20.12
N ALA A 24 -5.00 -4.59 -18.98
CA ALA A 24 -5.06 -3.14 -18.90
C ALA A 24 -3.95 -2.54 -19.75
N VAL A 25 -4.15 -1.30 -20.20
CA VAL A 25 -3.18 -0.59 -21.04
C VAL A 25 -2.54 0.51 -20.21
N ASP A 26 -1.20 0.52 -20.17
CA ASP A 26 -0.49 1.55 -19.43
C ASP A 26 -0.73 2.93 -20.03
N LEU A 27 -0.82 3.93 -19.16
CA LEU A 27 -0.88 5.30 -19.65
C LEU A 27 0.37 5.62 -20.45
N PRO A 28 0.23 6.25 -21.62
CA PRO A 28 1.41 6.65 -22.41
C PRO A 28 2.08 7.87 -21.79
N ASP A 29 3.36 8.04 -22.12
CA ASP A 29 4.07 9.22 -21.62
C ASP A 29 3.59 10.50 -22.29
N THR A 30 2.72 10.42 -23.28
CA THR A 30 2.10 11.59 -23.88
C THR A 30 0.84 12.03 -23.15
N ASP A 31 0.39 11.25 -22.18
CA ASP A 31 -0.80 11.62 -21.43
C ASP A 31 -0.52 12.93 -20.70
N PRO A 32 -1.38 13.95 -20.86
CA PRO A 32 -1.09 15.23 -20.20
C PRO A 32 -0.94 15.09 -18.69
N ARG A 33 -1.60 14.11 -18.10
CA ARG A 33 -1.59 13.95 -16.65
C ARG A 33 -0.25 13.49 -16.12
N VAL A 34 0.61 12.90 -16.96
CA VAL A 34 1.92 12.42 -16.51
C VAL A 34 3.05 13.33 -16.96
N GLN A 35 2.74 14.37 -17.71
CA GLN A 35 3.82 15.23 -18.18
C GLN A 35 4.19 16.26 -17.11
N ARG A 36 5.39 16.80 -17.24
CA ARG A 36 5.87 17.81 -16.32
CA ARG A 36 5.86 17.81 -16.31
C ARG A 36 5.08 19.11 -16.55
N ARG A 37 4.22 19.46 -15.59
CA ARG A 37 3.34 20.62 -15.73
C ARG A 37 3.90 21.86 -15.04
N VAL A 38 5.13 21.80 -14.53
CA VAL A 38 5.80 22.95 -13.95
C VAL A 38 7.16 23.09 -14.63
N THR A 39 7.83 24.21 -14.36
CA THR A 39 9.15 24.46 -14.91
C THR A 39 10.13 24.79 -13.80
N GLY A 40 11.41 24.80 -14.15
CA GLY A 40 12.43 25.16 -13.19
C GLY A 40 12.38 24.26 -11.96
N TRP A 41 12.42 24.88 -10.78
CA TRP A 41 12.43 24.15 -9.52
C TRP A 41 11.08 24.15 -8.82
N ALA A 42 9.99 24.47 -9.51
CA ALA A 42 8.69 24.48 -8.87
C ALA A 42 8.34 23.07 -8.41
N PRO A 43 7.64 22.93 -7.29
CA PRO A 43 7.33 21.58 -6.77
C PRO A 43 6.39 20.80 -7.68
N GLU A 44 6.64 19.50 -7.76
CA GLU A 44 5.75 18.57 -8.43
C GLU A 44 5.64 17.31 -7.59
N GLN A 45 4.67 16.45 -7.92
CA GLN A 45 4.47 15.19 -7.21
C GLN A 45 4.27 15.41 -5.71
N ILE A 46 3.48 16.44 -5.37
CA ILE A 46 3.25 16.80 -3.97
C ILE A 46 2.37 15.74 -3.31
N ALA A 47 2.80 15.27 -2.13
CA ALA A 47 2.11 14.20 -1.42
C ALA A 47 2.16 14.43 0.08
N VAL A 48 1.05 14.11 0.76
CA VAL A 48 0.96 14.18 2.21
C VAL A 48 0.95 12.77 2.77
N ALA A 49 1.63 12.58 3.90
CA ALA A 49 1.64 11.33 4.63
C ALA A 49 1.39 11.62 6.09
N LEU A 50 0.84 10.65 6.81
CA LEU A 50 0.66 10.77 8.25
C LEU A 50 1.97 10.59 8.99
N SER A 51 2.05 11.20 10.18
CA SER A 51 3.08 10.85 11.14
C SER A 51 2.52 9.73 12.03
N ALA A 52 3.21 9.40 13.12
CA ALA A 52 2.72 8.34 14.00
C ALA A 52 1.49 8.78 14.77
N ALA A 53 1.39 10.07 15.08
CA ALA A 53 0.26 10.64 15.81
C ALA A 53 -0.43 11.70 14.96
N PRO A 54 -1.73 11.93 15.18
CA PRO A 54 -2.47 12.88 14.34
C PRO A 54 -1.96 14.31 14.41
N THR A 55 -1.17 14.67 15.41
CA THR A 55 -0.71 16.04 15.59
C THR A 55 0.48 16.41 14.73
N SER A 56 0.91 15.51 13.84
CA SER A 56 2.04 15.76 12.97
C SER A 56 1.76 15.08 11.63
N ALA A 57 2.36 15.61 10.56
CA ALA A 57 2.15 15.06 9.23
C ALA A 57 3.34 15.42 8.36
N TRP A 58 3.49 14.68 7.26
CA TRP A 58 4.57 14.89 6.30
C TRP A 58 4.05 15.50 5.01
N VAL A 59 4.81 16.44 4.46
CA VAL A 59 4.59 16.97 3.12
C VAL A 59 5.85 16.70 2.31
N SER A 60 5.69 16.09 1.14
CA SER A 60 6.81 15.73 0.27
C SER A 60 6.53 16.21 -1.15
N TRP A 61 7.61 16.48 -1.89
CA TRP A 61 7.50 16.88 -3.28
C TRP A 61 8.85 16.70 -3.95
N ILE A 62 8.86 16.86 -5.27
CA ILE A 62 10.09 16.78 -6.06
C ILE A 62 10.27 18.10 -6.79
N THR A 63 11.53 18.55 -6.90
CA THR A 63 11.84 19.76 -7.66
C THR A 63 12.92 19.43 -8.68
N GLY A 64 12.68 19.82 -9.94
CA GLY A 64 13.59 19.52 -11.01
C GLY A 64 13.17 18.29 -11.79
N ASP A 65 13.41 18.29 -13.10
CA ASP A 65 13.14 17.10 -13.89
C ASP A 65 14.16 16.02 -13.58
N PHE A 66 13.77 14.77 -13.85
CA PHE A 66 14.69 13.66 -13.74
C PHE A 66 15.58 13.60 -14.97
N GLN A 67 16.58 12.71 -14.92
CA GLN A 67 17.45 12.45 -16.05
C GLN A 67 17.39 10.97 -16.37
N MET A 68 17.30 10.65 -17.66
CA MET A 68 17.17 9.27 -18.11
C MET A 68 18.04 9.12 -19.35
N GLY A 69 19.09 8.31 -19.26
CA GLY A 69 19.89 8.02 -20.43
C GLY A 69 21.37 7.87 -20.18
N GLY A 70 22.15 8.65 -20.91
CA GLY A 70 23.60 8.51 -20.92
C GLY A 70 24.28 8.79 -19.60
N ALA A 71 25.06 9.87 -19.56
CA ALA A 71 25.90 10.19 -18.41
C ALA A 71 25.10 11.06 -17.46
N VAL A 72 24.22 10.40 -16.69
CA VAL A 72 23.39 11.14 -15.75
C VAL A 72 24.27 11.74 -14.66
N LYS A 73 23.90 12.93 -14.21
CA LYS A 73 24.65 13.67 -13.20
C LYS A 73 23.72 13.93 -12.02
N PRO A 74 23.79 13.10 -10.97
CA PRO A 74 22.88 13.28 -9.84
C PRO A 74 22.93 14.70 -9.29
N LEU A 75 21.77 15.23 -8.93
CA LEU A 75 21.68 16.60 -8.46
C LEU A 75 22.18 16.71 -7.02
N ASP A 76 22.64 17.90 -6.67
CA ASP A 76 23.05 18.20 -5.29
C ASP A 76 21.81 18.58 -4.49
N PRO A 77 21.30 17.70 -3.62
CA PRO A 77 20.05 18.02 -2.93
C PRO A 77 20.14 19.25 -2.07
N GLY A 78 21.35 19.67 -1.67
CA GLY A 78 21.50 20.85 -0.85
C GLY A 78 21.34 22.17 -1.58
N THR A 79 21.03 22.17 -2.87
CA THR A 79 20.94 23.42 -3.62
C THR A 79 19.53 23.99 -3.67
N VAL A 80 18.51 23.22 -3.30
CA VAL A 80 17.13 23.68 -3.27
C VAL A 80 16.56 23.42 -1.89
N GLY A 81 16.01 24.45 -1.25
CA GLY A 81 15.53 24.31 0.11
C GLY A 81 14.24 23.52 0.21
N SER A 82 13.92 23.11 1.43
CA SER A 82 12.74 22.29 1.73
C SER A 82 11.91 23.04 2.77
N VAL A 83 10.97 23.86 2.30
CA VAL A 83 10.17 24.72 3.17
C VAL A 83 8.69 24.46 2.93
N VAL A 84 7.92 24.41 4.03
CA VAL A 84 6.47 24.37 3.95
C VAL A 84 5.95 25.51 4.82
N ARG A 85 5.11 26.36 4.22
CA ARG A 85 4.37 27.38 4.95
CA ARG A 85 4.36 27.38 4.94
C ARG A 85 2.92 26.92 5.06
N TYR A 86 2.36 26.97 6.27
CA TYR A 86 1.05 26.38 6.48
C TYR A 86 0.29 27.17 7.54
N GLY A 87 -1.01 26.91 7.60
CA GLY A 87 -1.86 27.63 8.53
C GLY A 87 -3.29 27.14 8.42
N LEU A 88 -4.14 27.73 9.27
CA LEU A 88 -5.55 27.35 9.37
C LEU A 88 -6.42 28.02 8.32
N ALA A 89 -5.87 28.95 7.54
CA ALA A 89 -6.62 29.61 6.49
C ALA A 89 -5.69 29.83 5.31
N ALA A 90 -6.27 29.84 4.11
CA ALA A 90 -5.47 29.91 2.89
C ALA A 90 -4.72 31.24 2.76
N ASP A 91 -5.15 32.28 3.46
CA ASP A 91 -4.52 33.59 3.38
C ASP A 91 -3.66 33.91 4.60
N SER A 92 -3.43 32.95 5.49
CA SER A 92 -2.61 33.15 6.67
C SER A 92 -1.74 31.91 6.87
N LEU A 93 -0.80 31.72 5.94
CA LEU A 93 0.18 30.64 6.04
C LEU A 93 1.35 31.14 6.88
N VAL A 94 1.07 31.32 8.18
CA VAL A 94 2.01 31.98 9.08
C VAL A 94 2.94 31.02 9.82
N ARG A 95 2.74 29.72 9.71
CA ARG A 95 3.63 28.74 10.32
C ARG A 95 4.60 28.22 9.26
N GLU A 96 5.79 27.82 9.71
CA GLU A 96 6.82 27.40 8.77
C GLU A 96 7.54 26.18 9.31
N ALA A 97 7.83 25.24 8.41
CA ALA A 97 8.61 24.06 8.75
C ALA A 97 9.67 23.88 7.68
N THR A 98 10.79 23.31 8.06
CA THR A 98 11.82 22.94 7.09
C THR A 98 12.14 21.46 7.25
N GLY A 99 12.74 20.89 6.21
CA GLY A 99 12.98 19.46 6.18
C GLY A 99 14.23 19.12 5.42
N ASP A 100 14.28 17.88 4.94
CA ASP A 100 15.46 17.34 4.28
C ASP A 100 15.19 17.14 2.79
N ALA A 101 16.28 17.03 2.04
CA ALA A 101 16.22 16.75 0.62
C ALA A 101 17.21 15.63 0.29
N LEU A 102 16.87 14.84 -0.71
CA LEU A 102 17.74 13.77 -1.18
C LEU A 102 17.45 13.50 -2.66
N VAL A 103 18.34 12.74 -3.28
CA VAL A 103 18.11 12.21 -4.61
C VAL A 103 18.29 10.70 -4.54
N TYR A 104 17.85 10.01 -5.59
CA TYR A 104 18.23 8.63 -5.78
C TYR A 104 18.53 8.40 -7.25
N SER A 105 19.33 7.38 -7.51
CA SER A 105 19.67 6.96 -8.87
C SER A 105 19.29 5.50 -9.06
N GLN A 106 19.11 5.13 -10.33
CA GLN A 106 18.85 3.75 -10.73
C GLN A 106 19.94 3.42 -11.76
N LEU A 107 20.98 2.73 -11.32
CA LEU A 107 22.19 2.52 -12.13
C LEU A 107 22.38 1.04 -12.42
N TYR A 108 22.74 0.75 -13.67
CA TYR A 108 22.98 -0.62 -14.11
C TYR A 108 24.34 -0.70 -14.77
N PRO A 109 25.23 -1.58 -14.32
CA PRO A 109 26.57 -1.68 -14.89
C PRO A 109 26.64 -2.70 -16.02
N PHE A 110 25.72 -2.60 -16.96
CA PHE A 110 25.65 -3.51 -18.09
C PHE A 110 25.57 -2.71 -19.37
N GLU A 111 26.38 -3.09 -20.35
CA GLU A 111 26.36 -2.40 -21.63
C GLU A 111 24.95 -2.39 -22.19
N GLY A 112 24.52 -1.22 -22.66
CA GLY A 112 23.22 -1.04 -23.27
C GLY A 112 22.16 -0.52 -22.32
N LEU A 113 22.28 -0.79 -21.02
CA LEU A 113 21.25 -0.36 -20.08
C LEU A 113 21.41 1.11 -19.76
N GLN A 114 20.29 1.83 -19.73
CA GLN A 114 20.31 3.27 -19.47
C GLN A 114 20.17 3.53 -17.98
N ASN A 115 20.79 4.62 -17.54
CA ASN A 115 20.81 5.05 -16.15
C ASN A 115 19.79 6.15 -15.91
N TYR A 116 19.42 6.32 -14.64
CA TYR A 116 18.40 7.28 -14.23
C TYR A 116 18.87 7.97 -12.95
N THR A 117 18.53 9.25 -12.81
CA THR A 117 18.66 9.91 -11.53
C THR A 117 17.49 10.88 -11.38
N SER A 118 17.04 11.05 -10.14
CA SER A 118 15.78 11.71 -9.85
C SER A 118 15.94 13.23 -9.81
N GLY A 119 14.80 13.92 -9.80
CA GLY A 119 14.77 15.27 -9.30
C GLY A 119 15.07 15.26 -7.80
N ILE A 120 15.15 16.46 -7.23
CA ILE A 120 15.43 16.59 -5.80
C ILE A 120 14.15 16.30 -5.03
N ILE A 121 14.20 15.30 -4.15
CA ILE A 121 13.04 14.93 -3.33
C ILE A 121 13.13 15.63 -2.00
N HIS A 122 11.99 16.11 -1.50
CA HIS A 122 11.92 16.86 -0.25
C HIS A 122 10.95 16.19 0.70
N HIS A 123 11.30 16.14 1.99
CA HIS A 123 10.39 15.62 3.00
C HIS A 123 10.41 16.59 4.18
N VAL A 124 9.23 17.10 4.55
CA VAL A 124 9.12 18.07 5.63
C VAL A 124 8.05 17.58 6.59
N ARG A 125 8.37 17.49 7.88
CA ARG A 125 7.39 17.09 8.89
C ARG A 125 6.83 18.32 9.58
N LEU A 126 5.50 18.44 9.54
CA LEU A 126 4.77 19.51 10.19
C LEU A 126 4.46 19.06 11.61
N GLN A 127 4.87 19.86 12.60
CA GLN A 127 4.67 19.58 14.01
C GLN A 127 3.57 20.48 14.57
N GLY A 128 2.98 20.05 15.68
CA GLY A 128 2.06 20.87 16.44
C GLY A 128 0.76 21.17 15.73
N LEU A 129 0.21 20.18 15.02
CA LEU A 129 -1.05 20.31 14.31
C LEU A 129 -2.20 19.92 15.23
N GLU A 130 -3.34 20.58 15.03
CA GLU A 130 -4.55 20.12 15.70
C GLU A 130 -5.12 18.91 14.98
N PRO A 131 -5.59 17.90 15.71
CA PRO A 131 -6.25 16.77 15.05
C PRO A 131 -7.55 17.19 14.42
N GLY A 132 -7.97 16.43 13.40
CA GLY A 132 -9.27 16.62 12.76
C GLY A 132 -9.47 17.97 12.12
N THR A 133 -8.39 18.61 11.68
CA THR A 133 -8.43 20.01 11.29
C THR A 133 -7.82 20.19 9.90
N LYS A 134 -8.39 21.10 9.13
CA LYS A 134 -7.88 21.38 7.79
C LYS A 134 -6.75 22.38 7.86
N TYR A 135 -5.63 22.06 7.20
CA TYR A 135 -4.47 22.93 7.10
C TYR A 135 -4.22 23.26 5.64
N TYR A 136 -4.02 24.54 5.36
CA TYR A 136 -3.57 25.02 4.07
C TYR A 136 -2.05 25.10 4.09
N TYR A 137 -1.43 24.84 2.94
CA TYR A 137 0.02 24.81 2.92
C TYR A 137 0.53 25.12 1.53
N GLN A 138 1.75 25.65 1.50
CA GLN A 138 2.52 25.85 0.28
CA GLN A 138 2.47 25.72 0.25
C GLN A 138 3.91 25.29 0.52
N CYS A 139 4.48 24.63 -0.48
CA CYS A 139 5.79 24.05 -0.30
C CYS A 139 6.75 24.53 -1.39
N GLY A 140 8.04 24.39 -1.12
CA GLY A 140 9.05 24.73 -2.10
C GLY A 140 10.22 25.46 -1.48
N ASP A 141 10.87 26.32 -2.26
CA ASP A 141 12.01 27.11 -1.79
C ASP A 141 11.68 28.58 -1.99
N PRO A 142 11.31 29.30 -0.92
CA PRO A 142 10.90 30.70 -1.10
C PRO A 142 12.00 31.62 -1.57
N SER A 143 13.27 31.21 -1.50
CA SER A 143 14.34 32.06 -1.98
C SER A 143 14.53 31.98 -3.49
N ILE A 144 13.81 31.11 -4.19
CA ILE A 144 13.93 30.95 -5.63
C ILE A 144 12.65 31.47 -6.28
N PRO A 145 12.73 32.47 -7.14
CA PRO A 145 11.52 33.00 -7.79
C PRO A 145 10.75 31.89 -8.50
N GLY A 146 9.44 31.86 -8.25
CA GLY A 146 8.57 30.87 -8.87
C GLY A 146 8.70 29.46 -8.34
N ALA A 147 9.45 29.26 -7.27
CA ALA A 147 9.73 27.91 -6.76
C ALA A 147 8.87 27.52 -5.57
N MET A 148 7.72 28.18 -5.39
CA MET A 148 6.73 27.79 -4.38
C MET A 148 5.49 27.24 -5.05
N SER A 149 4.87 26.25 -4.42
CA SER A 149 3.68 25.63 -4.99
C SER A 149 2.46 26.54 -4.84
N ALA A 150 1.38 26.16 -5.54
CA ALA A 150 0.07 26.70 -5.21
C ALA A 150 -0.33 26.28 -3.80
N VAL A 151 -1.30 26.99 -3.22
CA VAL A 151 -1.83 26.59 -1.93
C VAL A 151 -2.65 25.32 -2.08
N HIS A 152 -2.32 24.32 -1.27
CA HIS A 152 -3.07 23.08 -1.15
C HIS A 152 -3.64 22.99 0.27
N ALA A 153 -4.39 21.93 0.53
CA ALA A 153 -4.97 21.72 1.85
C ALA A 153 -5.14 20.24 2.08
N PHE A 154 -5.02 19.83 3.35
CA PHE A 154 -5.35 18.48 3.78
C PHE A 154 -5.93 18.57 5.19
N ARG A 155 -6.55 17.48 5.64
CA ARG A 155 -7.11 17.45 6.98
C ARG A 155 -6.39 16.39 7.81
N THR A 156 -5.96 16.76 9.01
CA THR A 156 -5.32 15.80 9.90
C THR A 156 -6.32 14.74 10.37
N MET A 157 -5.78 13.61 10.79
CA MET A 157 -6.60 12.56 11.36
C MET A 157 -7.27 13.06 12.64
N PRO A 158 -8.43 12.52 12.99
CA PRO A 158 -9.06 12.89 14.26
C PRO A 158 -8.24 12.41 15.44
N ALA A 159 -8.52 13.03 16.59
CA ALA A 159 -7.82 12.72 17.83
C ALA A 159 -7.99 11.26 18.20
N VAL A 160 -6.99 10.72 18.91
CA VAL A 160 -6.97 9.29 19.24
C VAL A 160 -7.93 9.03 20.40
N GLY A 161 -8.91 8.19 20.16
CA GLY A 161 -9.89 7.83 21.17
C GLY A 161 -10.87 6.80 20.65
N PRO A 162 -11.57 6.12 21.57
CA PRO A 162 -12.40 4.97 21.16
C PRO A 162 -13.68 5.33 20.43
N ARG A 163 -14.02 6.61 20.31
CA ARG A 163 -15.20 7.05 19.57
C ARG A 163 -14.85 8.02 18.46
N SER A 164 -13.55 8.12 18.14
CA SER A 164 -13.05 9.13 17.22
C SER A 164 -12.37 8.42 16.05
N TYR A 165 -12.96 8.51 14.86
CA TYR A 165 -12.46 7.75 13.72
C TYR A 165 -12.48 8.59 12.46
N PRO A 166 -11.52 8.38 11.55
CA PRO A 166 -11.66 8.94 10.20
C PRO A 166 -12.93 8.40 9.56
N GLY A 167 -13.61 9.25 8.80
CA GLY A 167 -14.86 8.82 8.19
C GLY A 167 -14.68 7.63 7.27
N ARG A 168 -13.75 7.76 6.33
CA ARG A 168 -13.55 6.77 5.28
C ARG A 168 -12.07 6.58 5.05
N ILE A 169 -11.62 5.33 5.03
CA ILE A 169 -10.24 4.96 4.72
C ILE A 169 -10.28 4.14 3.45
N ALA A 170 -9.65 4.63 2.40
CA ALA A 170 -9.56 3.85 1.17
C ALA A 170 -8.39 2.89 1.25
N VAL A 171 -8.58 1.71 0.68
CA VAL A 171 -7.55 0.66 0.69
C VAL A 171 -7.43 0.11 -0.72
N VAL A 172 -6.22 0.16 -1.27
CA VAL A 172 -5.94 -0.29 -2.63
C VAL A 172 -4.57 -0.96 -2.64
N GLY A 173 -4.32 -1.75 -3.67
CA GLY A 173 -2.99 -2.32 -3.86
C GLY A 173 -2.74 -2.59 -5.33
N ASP A 174 -1.46 -2.63 -5.69
CA ASP A 174 -1.05 -3.03 -7.04
C ASP A 174 -1.68 -2.13 -8.11
N LEU A 175 -1.59 -0.83 -7.89
CA LEU A 175 -2.20 0.14 -8.80
C LEU A 175 -1.57 0.13 -10.18
N GLY A 176 -0.23 0.21 -10.23
CA GLY A 176 0.33 0.41 -11.56
C GLY A 176 -0.13 1.76 -12.12
N LEU A 177 -0.08 1.87 -13.45
CA LEU A 177 -0.50 3.13 -14.06
C LEU A 177 -1.09 2.83 -15.44
N THR A 178 -2.29 2.29 -15.41
CA THR A 178 -3.05 1.96 -16.61
C THR A 178 -4.32 2.80 -16.63
N TYR A 179 -5.07 2.69 -17.74
CA TYR A 179 -6.39 3.31 -17.75
C TYR A 179 -7.30 2.70 -16.71
N ASN A 180 -7.13 1.42 -16.39
CA ASN A 180 -7.91 0.82 -15.31
C ASN A 180 -7.50 1.40 -13.97
N THR A 181 -6.22 1.72 -13.79
CA THR A 181 -5.82 2.42 -12.58
C THR A 181 -6.59 3.73 -12.45
N THR A 182 -6.72 4.49 -13.54
CA THR A 182 -7.45 5.75 -13.43
C THR A 182 -8.89 5.51 -13.01
N SER A 183 -9.47 4.39 -13.42
CA SER A 183 -10.81 4.07 -12.96
C SER A 183 -10.82 3.78 -11.45
N THR A 184 -9.87 2.98 -10.97
CA THR A 184 -9.77 2.72 -9.54
C THR A 184 -9.62 4.02 -8.76
N VAL A 185 -8.68 4.88 -9.18
CA VAL A 185 -8.41 6.10 -8.42
C VAL A 185 -9.58 7.06 -8.50
N GLU A 186 -10.26 7.12 -9.65
CA GLU A 186 -11.44 7.98 -9.78
C GLU A 186 -12.56 7.51 -8.85
N HIS A 187 -12.85 6.20 -8.88
CA HIS A 187 -13.82 5.64 -7.94
C HIS A 187 -13.46 6.00 -6.51
N MET A 188 -12.18 5.81 -6.16
CA MET A 188 -11.73 6.07 -4.79
C MET A 188 -11.90 7.52 -4.43
N ALA A 189 -11.47 8.43 -5.31
CA ALA A 189 -11.55 9.85 -5.00
C ALA A 189 -13.00 10.30 -4.86
N SER A 190 -13.91 9.72 -5.65
CA SER A 190 -15.31 10.09 -5.56
C SER A 190 -15.94 9.67 -4.24
N ASN A 191 -15.33 8.71 -3.53
CA ASN A 191 -15.77 8.35 -2.19
C ASN A 191 -15.16 9.25 -1.11
N GLN A 192 -14.36 10.24 -1.51
CA GLN A 192 -13.82 11.24 -0.59
C GLN A 192 -13.18 10.65 0.66
N PRO A 193 -12.19 9.77 0.51
CA PRO A 193 -11.54 9.18 1.67
C PRO A 193 -10.71 10.21 2.43
N ASP A 194 -10.67 10.02 3.75
CA ASP A 194 -9.81 10.82 4.62
C ASP A 194 -8.37 10.34 4.60
N LEU A 195 -8.13 9.13 4.10
CA LEU A 195 -6.85 8.44 4.23
C LEU A 195 -6.82 7.36 3.16
N VAL A 196 -5.67 7.21 2.49
CA VAL A 196 -5.47 6.14 1.52
C VAL A 196 -4.35 5.24 2.01
N LEU A 197 -4.59 3.93 2.01
CA LEU A 197 -3.57 2.93 2.27
C LEU A 197 -3.26 2.23 0.95
N LEU A 198 -1.98 2.19 0.59
CA LEU A 198 -1.52 1.58 -0.66
C LEU A 198 -0.63 0.40 -0.30
N LEU A 199 -1.12 -0.81 -0.56
CA LEU A 199 -0.52 -2.03 -0.02
C LEU A 199 0.52 -2.65 -0.96
N GLY A 200 1.42 -1.83 -1.48
CA GLY A 200 2.54 -2.32 -2.26
C GLY A 200 2.23 -2.43 -3.73
N ASP A 201 3.30 -2.56 -4.52
CA ASP A 201 3.22 -2.65 -5.98
C ASP A 201 2.63 -1.36 -6.54
N VAL A 202 3.46 -0.32 -6.62
CA VAL A 202 3.01 1.05 -6.87
C VAL A 202 2.97 1.38 -8.36
N SER A 203 4.14 1.52 -8.98
CA SER A 203 4.20 2.05 -10.34
C SER A 203 4.41 0.99 -11.40
N TYR A 204 4.85 -0.20 -11.01
CA TYR A 204 5.22 -1.26 -11.96
C TYR A 204 6.24 -0.76 -12.98
N ALA A 205 7.16 0.09 -12.51
CA ALA A 205 8.28 0.51 -13.35
C ALA A 205 9.11 -0.69 -13.81
N ASN A 206 9.09 -1.79 -13.05
CA ASN A 206 9.91 -2.94 -13.41
C ASN A 206 9.23 -3.86 -14.41
N LEU A 207 8.15 -3.43 -15.06
CA LEU A 207 7.67 -4.12 -16.25
C LEU A 207 8.26 -3.53 -17.52
N TYR A 208 9.26 -2.67 -17.39
CA TYR A 208 9.86 -1.97 -18.52
C TYR A 208 11.36 -2.21 -18.52
N LEU A 209 11.91 -2.33 -19.73
CA LEU A 209 13.35 -2.21 -19.92
C LEU A 209 13.77 -0.75 -19.72
N THR A 210 15.07 -0.56 -19.47
CA THR A 210 15.55 0.80 -19.24
C THR A 210 15.39 1.72 -20.45
N ASN A 211 15.11 1.19 -21.64
CA ASN A 211 14.89 2.06 -22.78
C ASN A 211 13.40 2.33 -23.02
N GLY A 212 12.55 2.05 -22.04
CA GLY A 212 11.15 2.41 -22.13
C GLY A 212 10.23 1.39 -22.75
N THR A 213 10.72 0.20 -23.11
CA THR A 213 9.85 -0.85 -23.64
C THR A 213 9.20 -1.61 -22.50
N GLY A 214 7.87 -1.70 -22.53
CA GLY A 214 7.12 -2.35 -21.48
C GLY A 214 6.58 -3.70 -21.91
N THR A 215 6.06 -4.44 -20.92
CA THR A 215 5.47 -5.74 -21.15
C THR A 215 4.45 -6.00 -20.05
N ASP A 216 3.49 -6.88 -20.35
CA ASP A 216 2.54 -7.32 -19.35
C ASP A 216 3.12 -8.34 -18.38
N CYS A 217 4.30 -8.89 -18.67
CA CYS A 217 4.88 -9.91 -17.81
C CYS A 217 6.37 -9.98 -18.10
N TYR A 218 7.20 -9.48 -17.17
CA TYR A 218 8.64 -9.44 -17.40
C TYR A 218 9.21 -10.85 -17.53
N SER A 219 8.84 -11.74 -16.62
CA SER A 219 9.39 -13.10 -16.65
C SER A 219 9.03 -13.82 -17.94
N CYS A 220 7.91 -13.43 -18.56
CA CYS A 220 7.54 -13.99 -19.87
C CYS A 220 8.39 -13.40 -20.98
N SER A 221 8.58 -12.09 -20.99
CA SER A 221 9.19 -11.38 -22.10
C SER A 221 10.72 -11.28 -21.97
N PHE A 222 11.19 -10.63 -20.91
CA PHE A 222 12.56 -10.13 -20.86
C PHE A 222 13.48 -10.90 -19.91
N ALA A 223 12.93 -11.71 -19.01
CA ALA A 223 13.75 -12.30 -17.95
C ALA A 223 14.92 -13.10 -18.52
N LYS A 224 14.70 -13.79 -19.64
CA LYS A 224 15.74 -14.63 -20.21
C LYS A 224 16.69 -13.87 -21.13
N SER A 225 16.31 -12.68 -21.59
CA SER A 225 17.13 -11.92 -22.54
C SER A 225 17.68 -10.62 -21.96
N THR A 226 17.55 -10.41 -20.65
CA THR A 226 18.14 -9.26 -19.98
C THR A 226 19.09 -9.72 -18.87
N PRO A 227 20.10 -8.92 -18.53
CA PRO A 227 21.08 -9.33 -17.52
C PRO A 227 20.62 -9.11 -16.09
N ILE A 228 19.53 -8.37 -15.90
CA ILE A 228 18.98 -8.10 -14.58
C ILE A 228 17.52 -7.75 -14.82
N HIS A 229 16.72 -7.77 -13.76
CA HIS A 229 15.31 -7.38 -13.87
C HIS A 229 15.28 -5.85 -13.92
N GLU A 230 15.15 -5.31 -15.12
CA GLU A 230 15.31 -3.87 -15.35
C GLU A 230 14.09 -3.09 -14.88
N THR A 231 14.23 -1.76 -14.88
CA THR A 231 13.13 -0.84 -14.62
C THR A 231 13.24 0.34 -15.57
N TYR A 232 12.13 1.05 -15.72
CA TYR A 232 12.08 2.34 -16.39
C TYR A 232 11.58 3.34 -15.33
N GLN A 233 12.52 3.95 -14.60
CA GLN A 233 12.17 4.73 -13.42
C GLN A 233 11.20 5.89 -13.70
N PRO A 234 11.19 6.48 -14.90
CA PRO A 234 10.22 7.55 -15.15
C PRO A 234 8.77 7.16 -14.89
N ARG A 235 8.43 5.87 -14.91
CA ARG A 235 7.05 5.49 -14.60
C ARG A 235 6.67 5.94 -13.20
N TRP A 236 7.65 5.96 -12.28
CA TRP A 236 7.39 6.48 -10.93
C TRP A 236 7.01 7.95 -10.97
N ASP A 237 7.72 8.74 -11.77
CA ASP A 237 7.42 10.17 -11.89
C ASP A 237 6.06 10.37 -12.55
N TYR A 238 5.77 9.59 -13.60
CA TYR A 238 4.44 9.64 -14.19
C TYR A 238 3.38 9.31 -13.15
N TRP A 239 3.63 8.27 -12.36
CA TRP A 239 2.69 7.88 -11.30
C TRP A 239 2.52 8.99 -10.29
N GLY A 240 3.63 9.53 -9.77
CA GLY A 240 3.54 10.61 -8.81
C GLY A 240 2.83 11.84 -9.36
N ARG A 241 3.06 12.14 -10.64
CA ARG A 241 2.38 13.27 -11.25
C ARG A 241 0.89 13.01 -11.40
N TYR A 242 0.53 11.83 -11.89
CA TYR A 242 -0.88 11.48 -12.03
C TYR A 242 -1.61 11.53 -10.69
N MET A 243 -0.98 11.04 -9.63
CA MET A 243 -1.64 10.91 -8.33
C MET A 243 -1.71 12.22 -7.56
N GLU A 244 -1.00 13.26 -7.99
CA GLU A 244 -0.88 14.48 -7.17
C GLU A 244 -2.22 15.09 -6.76
N PRO A 245 -3.26 15.14 -7.61
CA PRO A 245 -4.55 15.66 -7.13
C PRO A 245 -5.06 14.93 -5.91
N VAL A 246 -4.77 13.64 -5.78
CA VAL A 246 -5.15 12.91 -4.57
C VAL A 246 -4.13 13.14 -3.46
N THR A 247 -2.85 12.90 -3.75
CA THR A 247 -1.87 12.85 -2.67
C THR A 247 -1.63 14.21 -2.04
N SER A 248 -1.84 15.30 -2.79
CA SER A 248 -1.63 16.62 -2.21
C SER A 248 -2.77 17.04 -1.30
N SER A 249 -3.90 16.35 -1.35
CA SER A 249 -5.06 16.69 -0.55
C SER A 249 -5.46 15.60 0.43
N THR A 250 -4.90 14.40 0.33
CA THR A 250 -5.31 13.24 1.12
C THR A 250 -4.06 12.50 1.56
N PRO A 251 -3.87 12.28 2.87
CA PRO A 251 -2.72 11.48 3.32
C PRO A 251 -2.74 10.08 2.72
N MET A 252 -1.58 9.63 2.28
CA MET A 252 -1.42 8.30 1.66
C MET A 252 -0.26 7.58 2.32
N MET A 253 -0.53 6.40 2.87
CA MET A 253 0.46 5.57 3.54
C MET A 253 0.77 4.40 2.63
N VAL A 254 2.05 4.20 2.28
CA VAL A 254 2.48 3.16 1.37
C VAL A 254 3.32 2.15 2.14
N VAL A 255 3.19 0.89 1.77
CA VAL A 255 4.11 -0.15 2.23
C VAL A 255 4.58 -0.92 1.01
N GLU A 256 5.76 -1.52 1.11
CA GLU A 256 6.40 -2.05 -0.09
C GLU A 256 5.83 -3.40 -0.51
N GLY A 257 5.83 -3.62 -1.81
CA GLY A 257 5.56 -4.94 -2.38
C GLY A 257 6.74 -5.42 -3.18
N ASN A 258 6.59 -6.55 -3.87
CA ASN A 258 7.72 -7.15 -4.56
C ASN A 258 8.16 -6.32 -5.76
N HIS A 259 7.25 -5.56 -6.38
CA HIS A 259 7.68 -4.75 -7.53
C HIS A 259 8.52 -3.53 -7.14
N GLU A 260 8.68 -3.27 -5.84
CA GLU A 260 9.54 -2.20 -5.37
C GLU A 260 10.97 -2.63 -5.17
N ILE A 261 11.28 -3.92 -5.33
CA ILE A 261 12.64 -4.40 -5.08
C ILE A 261 13.64 -3.72 -6.00
N GLU A 262 13.37 -3.76 -7.31
CA GLU A 262 14.11 -2.97 -8.31
C GLU A 262 15.62 -3.04 -8.08
N GLN A 263 16.12 -4.27 -8.09
CA GLN A 263 17.53 -4.51 -7.86
C GLN A 263 18.38 -3.77 -8.88
N GLN A 264 19.47 -3.19 -8.42
CA GLN A 264 20.33 -2.39 -9.30
C GLN A 264 21.78 -2.60 -8.88
N ILE A 265 22.65 -1.64 -9.24
CA ILE A 265 24.07 -1.77 -9.00
C ILE A 265 24.32 -2.10 -7.53
N GLY A 266 25.30 -2.95 -7.29
CA GLY A 266 25.70 -3.29 -5.94
C GLY A 266 24.64 -4.01 -5.14
N ASN A 267 23.68 -4.64 -5.81
CA ASN A 267 22.58 -5.34 -5.14
C ASN A 267 21.69 -4.39 -4.37
N LYS A 268 21.74 -3.10 -4.69
CA LYS A 268 20.87 -2.15 -4.00
C LYS A 268 19.43 -2.42 -4.38
N THR A 269 18.53 -2.26 -3.41
CA THR A 269 17.12 -2.53 -3.63
C THR A 269 16.28 -1.42 -3.02
N PHE A 270 15.04 -1.33 -3.50
CA PHE A 270 14.02 -0.45 -2.95
C PHE A 270 14.42 1.03 -2.95
N ALA A 271 15.32 1.43 -3.86
CA ALA A 271 15.80 2.82 -3.86
C ALA A 271 14.66 3.80 -4.08
N ALA A 272 13.84 3.57 -5.12
CA ALA A 272 12.74 4.50 -5.43
C ALA A 272 11.73 4.55 -4.30
N TYR A 273 11.28 3.40 -3.83
CA TYR A 273 10.28 3.35 -2.76
C TYR A 273 10.80 4.06 -1.51
N SER A 274 12.05 3.80 -1.15
CA SER A 274 12.60 4.34 0.09
C SER A 274 12.77 5.84 0.05
N ALA A 275 13.05 6.40 -1.13
CA ALA A 275 13.32 7.83 -1.27
C ALA A 275 12.06 8.66 -1.47
N ARG A 276 11.06 8.12 -2.19
CA ARG A 276 9.99 8.94 -2.72
C ARG A 276 8.92 9.24 -1.68
N PHE A 277 8.59 8.29 -0.83
CA PHE A 277 7.50 8.47 0.11
C PHE A 277 8.02 8.84 1.48
N ALA A 278 7.18 9.53 2.23
CA ALA A 278 7.44 9.76 3.65
C ALA A 278 6.79 8.67 4.47
N PHE A 279 7.52 8.18 5.47
CA PHE A 279 7.04 7.17 6.40
C PHE A 279 7.31 7.62 7.82
N PRO A 280 6.43 7.29 8.76
CA PRO A 280 6.66 7.62 10.17
C PRO A 280 7.64 6.65 10.84
N SER A 281 8.77 6.39 10.17
CA SER A 281 9.73 5.40 10.64
C SER A 281 10.39 5.81 11.95
N MET A 282 10.78 7.08 12.07
CA MET A 282 11.39 7.52 13.31
C MET A 282 10.35 7.67 14.40
N GLU A 283 9.19 8.25 14.07
CA GLU A 283 8.18 8.51 15.09
C GLU A 283 7.64 7.21 15.68
N SER A 284 7.47 6.17 14.86
CA SER A 284 7.00 4.88 15.37
C SER A 284 8.15 3.96 15.75
N GLU A 285 9.39 4.43 15.67
CA GLU A 285 10.58 3.73 16.16
C GLU A 285 10.85 2.41 15.44
N SER A 286 10.35 2.26 14.20
CA SER A 286 10.78 1.14 13.38
C SER A 286 12.14 1.44 12.76
N PHE A 287 12.42 2.70 12.48
CA PHE A 287 13.64 3.14 11.81
C PHE A 287 13.85 2.37 10.51
N SER A 288 12.74 2.04 9.85
CA SER A 288 12.76 1.35 8.58
C SER A 288 11.67 1.93 7.69
N PRO A 289 11.92 2.07 6.38
CA PRO A 289 10.83 2.45 5.49
C PRO A 289 9.91 1.28 5.16
N PHE A 290 10.27 0.07 5.56
CA PHE A 290 9.56 -1.12 5.09
C PHE A 290 8.43 -1.57 6.01
N TYR A 291 8.41 -1.09 7.25
CA TYR A 291 7.36 -1.37 8.22
C TYR A 291 7.35 -0.24 9.23
N TYR A 292 6.19 0.03 9.81
CA TYR A 292 6.02 1.17 10.71
C TYR A 292 4.60 1.09 11.26
N SER A 293 4.27 2.00 12.17
CA SER A 293 2.89 2.07 12.68
C SER A 293 2.48 3.53 12.83
N PHE A 294 1.17 3.73 12.97
CA PHE A 294 0.62 5.07 13.17
C PHE A 294 -0.79 4.92 13.72
N ASP A 295 -1.27 5.99 14.36
CA ASP A 295 -2.63 6.05 14.88
C ASP A 295 -3.46 7.01 14.05
N ALA A 296 -4.66 6.59 13.67
CA ALA A 296 -5.62 7.46 12.98
C ALA A 296 -6.92 7.36 13.77
N GLY A 297 -7.22 8.40 14.55
CA GLY A 297 -8.29 8.23 15.51
C GLY A 297 -8.00 7.01 16.37
N GLY A 298 -9.06 6.30 16.74
CA GLY A 298 -8.93 5.13 17.58
C GLY A 298 -8.51 3.87 16.87
N ILE A 299 -7.77 4.01 15.76
CA ILE A 299 -7.23 2.86 15.04
C ILE A 299 -5.73 2.88 15.16
N HIS A 300 -5.14 1.78 15.64
CA HIS A 300 -3.71 1.58 15.57
C HIS A 300 -3.41 0.74 14.34
N PHE A 301 -2.72 1.34 13.36
CA PHE A 301 -2.35 0.68 12.11
C PHE A 301 -0.91 0.18 12.20
N ILE A 302 -0.69 -1.04 11.73
CA ILE A 302 0.67 -1.59 11.60
C ILE A 302 0.88 -1.97 10.15
N MET A 303 1.85 -1.33 9.50
CA MET A 303 2.27 -1.71 8.16
C MET A 303 3.48 -2.60 8.30
N LEU A 304 3.39 -3.84 7.80
CA LEU A 304 4.44 -4.82 7.97
C LEU A 304 5.11 -5.11 6.63
N ALA A 305 6.32 -5.66 6.70
CA ALA A 305 7.14 -5.87 5.52
C ALA A 305 7.16 -7.36 5.16
N ALA A 306 6.50 -7.70 4.05
CA ALA A 306 6.63 -9.06 3.54
C ALA A 306 7.98 -9.28 2.87
N TYR A 307 8.77 -8.22 2.66
CA TYR A 307 10.03 -8.32 1.93
C TYR A 307 11.20 -7.79 2.74
N ALA A 308 11.04 -7.72 4.07
CA ALA A 308 12.14 -7.58 5.01
C ALA A 308 12.03 -8.72 6.01
N ASP A 309 13.17 -9.15 6.53
CA ASP A 309 13.22 -10.27 7.47
C ASP A 309 12.09 -10.21 8.50
N TYR A 310 11.19 -11.19 8.45
CA TYR A 310 10.05 -11.26 9.35
C TYR A 310 10.17 -12.42 10.34
N SER A 311 11.34 -13.05 10.41
CA SER A 311 11.50 -14.21 11.27
C SER A 311 11.43 -13.79 12.74
N LYS A 312 11.15 -14.76 13.60
CA LYS A 312 10.96 -14.47 15.02
C LYS A 312 12.23 -13.94 15.67
N SER A 313 13.39 -14.12 15.04
CA SER A 313 14.66 -13.63 15.59
C SER A 313 15.09 -12.29 15.02
N GLY A 314 14.35 -11.74 14.05
CA GLY A 314 14.80 -10.57 13.32
C GLY A 314 14.37 -9.27 13.97
N GLU A 315 14.85 -8.16 13.38
CA GLU A 315 14.57 -6.83 13.88
C GLU A 315 13.10 -6.47 13.76
N GLN A 316 12.47 -6.81 12.62
CA GLN A 316 11.07 -6.43 12.41
C GLN A 316 10.18 -7.07 13.46
N TYR A 317 10.40 -8.35 13.76
CA TYR A 317 9.59 -9.05 14.75
C TYR A 317 9.78 -8.45 16.14
N ARG A 318 11.03 -8.13 16.50
CA ARG A 318 11.28 -7.48 17.79
C ARG A 318 10.56 -6.15 17.87
N TRP A 319 10.63 -5.35 16.81
CA TRP A 319 9.90 -4.09 16.79
C TRP A 319 8.41 -4.32 16.95
N LEU A 320 7.87 -5.31 16.25
CA LEU A 320 6.43 -5.56 16.30
C LEU A 320 6.00 -5.94 17.71
N GLU A 321 6.81 -6.76 18.41
CA GLU A 321 6.48 -7.13 19.77
C GLU A 321 6.37 -5.90 20.66
N LYS A 322 7.31 -4.96 20.52
CA LYS A 322 7.28 -3.74 21.32
C LYS A 322 6.11 -2.86 20.92
N ASP A 323 5.85 -2.74 19.63
CA ASP A 323 4.75 -1.90 19.16
C ASP A 323 3.42 -2.41 19.70
N LEU A 324 3.19 -3.73 19.61
CA LEU A 324 1.95 -4.31 20.12
C LEU A 324 1.84 -4.15 21.63
N ALA A 325 2.96 -4.28 22.34
CA ALA A 325 2.91 -4.15 23.79
C ALA A 325 2.56 -2.73 24.23
N LYS A 326 2.76 -1.73 23.38
CA LYS A 326 2.43 -0.35 23.73
C LYS A 326 1.00 0.03 23.41
N VAL A 327 0.27 -0.82 22.71
CA VAL A 327 -1.10 -0.49 22.31
C VAL A 327 -2.04 -0.67 23.48
N ASP A 328 -2.81 0.38 23.79
CA ASP A 328 -3.85 0.34 24.81
C ASP A 328 -5.18 0.29 24.08
N ARG A 329 -5.87 -0.85 24.16
CA ARG A 329 -7.07 -1.04 23.36
C ARG A 329 -8.29 -0.31 23.92
N SER A 330 -8.16 0.37 25.06
CA SER A 330 -9.22 1.30 25.43
C SER A 330 -9.02 2.69 24.83
N VAL A 331 -7.84 2.95 24.28
CA VAL A 331 -7.50 4.20 23.61
C VAL A 331 -7.61 4.08 22.09
N THR A 332 -6.96 3.07 21.52
CA THR A 332 -7.14 2.67 20.12
C THR A 332 -7.81 1.29 20.11
N PRO A 333 -9.14 1.21 20.09
CA PRO A 333 -9.78 -0.11 20.14
C PRO A 333 -9.48 -0.98 18.92
N TRP A 334 -9.27 -0.36 17.77
CA TRP A 334 -9.07 -1.08 16.51
C TRP A 334 -7.59 -1.29 16.25
N LEU A 335 -7.23 -2.54 15.94
CA LEU A 335 -5.87 -2.93 15.62
C LEU A 335 -5.92 -3.51 14.22
N VAL A 336 -5.34 -2.81 13.26
CA VAL A 336 -5.47 -3.14 11.84
C VAL A 336 -4.07 -3.19 11.24
N ALA A 337 -3.82 -4.20 10.41
CA ALA A 337 -2.50 -4.37 9.83
C ALA A 337 -2.62 -4.40 8.31
N GLY A 338 -1.54 -3.98 7.66
CA GLY A 338 -1.45 -4.09 6.22
C GLY A 338 -0.05 -4.57 5.83
N TRP A 339 0.01 -5.42 4.81
CA TRP A 339 1.28 -5.81 4.22
C TRP A 339 0.98 -6.33 2.82
N HIS A 340 2.01 -6.60 2.03
CA HIS A 340 1.77 -6.83 0.62
C HIS A 340 1.12 -8.18 0.35
N ALA A 341 1.68 -9.26 0.90
CA ALA A 341 1.36 -10.62 0.43
C ALA A 341 0.28 -11.27 1.30
N PRO A 342 -0.84 -11.71 0.72
CA PRO A 342 -1.90 -12.31 1.55
C PRO A 342 -1.51 -13.65 2.14
N TRP A 343 -2.06 -13.91 3.33
CA TRP A 343 -1.85 -15.19 3.98
C TRP A 343 -2.94 -16.20 3.68
N TYR A 344 -4.13 -15.76 3.23
CA TYR A 344 -5.25 -16.69 3.09
C TYR A 344 -5.92 -16.55 1.73
N SER A 345 -5.20 -16.08 0.72
CA SER A 345 -5.75 -16.02 -0.62
CA SER A 345 -5.76 -16.02 -0.62
C SER A 345 -5.95 -17.43 -1.19
N THR A 346 -7.02 -17.60 -1.96
CA THR A 346 -7.34 -18.92 -2.51
C THR A 346 -7.18 -19.00 -4.01
N TYR A 347 -6.69 -17.92 -4.64
CA TYR A 347 -6.32 -17.95 -6.04
C TYR A 347 -5.05 -18.78 -6.25
N LYS A 348 -4.92 -19.32 -7.46
CA LYS A 348 -3.69 -20.01 -7.80
C LYS A 348 -2.48 -19.08 -7.74
N ALA A 349 -2.63 -17.86 -8.26
CA ALA A 349 -1.54 -16.90 -8.23
C ALA A 349 -1.08 -16.65 -6.80
N HIS A 350 0.19 -16.93 -6.52
CA HIS A 350 0.81 -16.65 -5.22
C HIS A 350 0.18 -17.47 -4.10
N TYR A 351 -0.44 -18.59 -4.43
CA TYR A 351 -1.07 -19.46 -3.43
C TYR A 351 -0.04 -19.92 -2.39
N ARG A 352 -0.33 -19.60 -1.12
CA ARG A 352 0.51 -19.95 0.04
C ARG A 352 1.94 -19.44 -0.09
N GLU A 353 2.13 -18.38 -0.88
CA GLU A 353 3.48 -17.88 -1.14
C GLU A 353 4.11 -17.25 0.08
N ALA A 354 3.31 -16.63 0.95
CA ALA A 354 3.80 -15.97 2.15
C ALA A 354 3.60 -16.83 3.40
N GLU A 355 3.54 -18.15 3.23
CA GLU A 355 3.32 -19.04 4.36
C GLU A 355 4.38 -18.87 5.45
N CYS A 356 5.63 -18.62 5.07
CA CYS A 356 6.67 -18.47 6.10
C CYS A 356 6.44 -17.22 6.94
N MET A 357 5.91 -16.15 6.35
CA MET A 357 5.56 -14.97 7.14
C MET A 357 4.39 -15.25 8.07
N ARG A 358 3.37 -15.97 7.58
CA ARG A 358 2.26 -16.35 8.45
C ARG A 358 2.77 -17.16 9.64
N VAL A 359 3.59 -18.18 9.38
CA VAL A 359 4.08 -19.02 10.47
C VAL A 359 4.90 -18.20 11.46
N ALA A 360 5.65 -17.21 10.95
CA ALA A 360 6.47 -16.39 11.84
C ALA A 360 5.60 -15.52 12.74
N MET A 361 4.57 -14.87 12.17
CA MET A 361 3.93 -13.74 12.84
C MET A 361 2.48 -13.93 13.25
N GLU A 362 1.80 -14.96 12.76
CA GLU A 362 0.36 -15.02 12.98
C GLU A 362 0.03 -15.18 14.46
N GLU A 363 0.75 -16.04 15.17
CA GLU A 363 0.40 -16.29 16.57
C GLU A 363 0.60 -15.02 17.40
N LEU A 364 1.67 -14.27 17.14
CA LEU A 364 1.87 -13.02 17.87
C LEU A 364 0.70 -12.06 17.64
N LEU A 365 0.31 -11.88 16.39
CA LEU A 365 -0.78 -10.95 16.09
C LEU A 365 -2.10 -11.45 16.66
N TYR A 366 -2.34 -12.76 16.61
CA TYR A 366 -3.56 -13.32 17.20
C TYR A 366 -3.59 -13.09 18.71
N SER A 367 -2.44 -13.27 19.36
CA SER A 367 -2.40 -13.11 20.81
CA SER A 367 -2.38 -13.09 20.81
C SER A 367 -2.69 -11.67 21.23
N TYR A 368 -2.51 -10.70 20.33
CA TYR A 368 -2.80 -9.30 20.61
C TYR A 368 -4.15 -8.84 20.04
N GLY A 369 -4.94 -9.76 19.51
CA GLY A 369 -6.27 -9.42 19.04
C GLY A 369 -6.30 -8.56 17.79
N LEU A 370 -5.49 -8.89 16.80
CA LEU A 370 -5.55 -8.18 15.53
C LEU A 370 -6.96 -8.29 14.94
N ASP A 371 -7.55 -7.17 14.54
CA ASP A 371 -8.94 -7.17 14.07
C ASP A 371 -9.06 -7.45 12.58
N ILE A 372 -8.26 -6.77 11.75
CA ILE A 372 -8.40 -6.80 10.30
C ILE A 372 -7.00 -6.76 9.70
N VAL A 373 -6.83 -7.47 8.59
CA VAL A 373 -5.60 -7.45 7.79
C VAL A 373 -5.99 -7.05 6.38
N PHE A 374 -5.26 -6.08 5.81
CA PHE A 374 -5.40 -5.76 4.40
C PHE A 374 -4.10 -6.09 3.66
N THR A 375 -4.24 -6.69 2.48
CA THR A 375 -3.09 -7.04 1.65
C THR A 375 -3.38 -6.69 0.20
N GLY A 376 -2.36 -6.86 -0.65
CA GLY A 376 -2.49 -6.72 -2.09
C GLY A 376 -1.98 -7.96 -2.80
N HIS A 377 -1.11 -7.78 -3.80
CA HIS A 377 -0.30 -8.82 -4.42
C HIS A 377 -1.09 -9.70 -5.38
N VAL A 378 -2.22 -10.22 -4.92
CA VAL A 378 -3.08 -11.05 -5.76
C VAL A 378 -4.02 -10.13 -6.54
N HIS A 379 -4.02 -10.25 -7.87
CA HIS A 379 -4.77 -9.33 -8.73
C HIS A 379 -6.22 -9.78 -8.83
N ALA A 380 -6.92 -9.65 -7.72
CA ALA A 380 -8.33 -9.99 -7.60
C ALA A 380 -8.75 -9.51 -6.21
N TYR A 381 -10.03 -9.64 -5.90
CA TYR A 381 -10.54 -9.28 -4.59
C TYR A 381 -10.89 -10.53 -3.80
N GLU A 382 -10.53 -10.56 -2.52
CA GLU A 382 -10.97 -11.65 -1.67
C GLU A 382 -11.14 -11.16 -0.24
N ARG A 383 -12.18 -11.66 0.41
CA ARG A 383 -12.39 -11.44 1.84
C ARG A 383 -12.53 -12.79 2.53
N SER A 384 -11.75 -12.97 3.61
CA SER A 384 -11.83 -14.20 4.39
C SER A 384 -12.90 -14.06 5.48
N ASN A 385 -13.38 -15.21 5.93
CA ASN A 385 -14.04 -15.30 7.23
C ASN A 385 -12.99 -15.16 8.33
N ARG A 386 -13.44 -14.87 9.55
CA ARG A 386 -12.48 -14.80 10.65
C ARG A 386 -11.73 -16.12 10.79
N VAL A 387 -10.39 -16.05 10.82
CA VAL A 387 -9.57 -17.25 10.65
C VAL A 387 -8.27 -17.07 11.43
N PHE A 388 -7.82 -18.18 12.03
CA PHE A 388 -6.50 -18.25 12.66
C PHE A 388 -5.92 -19.62 12.38
N ASN A 389 -4.70 -19.65 11.84
CA ASN A 389 -4.02 -20.91 11.55
C ASN A 389 -4.91 -21.85 10.74
N TYR A 390 -5.46 -21.32 9.64
CA TYR A 390 -6.32 -22.05 8.72
C TYR A 390 -7.57 -22.61 9.38
N THR A 391 -7.95 -22.10 10.54
CA THR A 391 -9.14 -22.56 11.26
C THR A 391 -10.10 -21.40 11.44
N LEU A 392 -11.36 -21.59 11.02
CA LEU A 392 -12.38 -20.61 11.32
C LEU A 392 -12.43 -20.37 12.82
N ASP A 393 -12.36 -19.11 13.23
CA ASP A 393 -12.14 -18.81 14.63
C ASP A 393 -12.77 -17.47 14.93
N PRO A 394 -13.73 -17.40 15.86
CA PRO A 394 -14.42 -16.11 16.10
C PRO A 394 -13.49 -15.01 16.59
N CYS A 395 -12.27 -15.34 17.03
CA CYS A 395 -11.31 -14.33 17.44
C CYS A 395 -10.20 -14.14 16.42
N GLY A 396 -10.28 -14.81 15.29
CA GLY A 396 -9.30 -14.59 14.24
C GLY A 396 -9.61 -13.31 13.47
N ALA A 397 -8.58 -12.79 12.83
CA ALA A 397 -8.72 -11.58 12.04
C ALA A 397 -9.49 -11.88 10.75
N VAL A 398 -10.13 -10.85 10.22
CA VAL A 398 -10.65 -10.86 8.86
C VAL A 398 -9.51 -10.45 7.95
N HIS A 399 -9.21 -11.29 6.95
CA HIS A 399 -8.15 -11.00 5.99
C HIS A 399 -8.78 -10.57 4.67
N ILE A 400 -8.46 -9.37 4.22
CA ILE A 400 -9.04 -8.81 3.01
C ILE A 400 -7.90 -8.49 2.05
N SER A 401 -8.00 -8.97 0.81
CA SER A 401 -6.95 -8.74 -0.18
C SER A 401 -7.52 -7.88 -1.30
N VAL A 402 -6.90 -6.72 -1.51
CA VAL A 402 -7.32 -5.79 -2.56
C VAL A 402 -6.17 -5.45 -3.49
N GLY A 403 -5.43 -6.46 -3.93
CA GLY A 403 -4.39 -6.24 -4.93
C GLY A 403 -4.95 -6.06 -6.34
N ASP A 404 -6.22 -5.64 -6.43
CA ASP A 404 -6.88 -5.50 -7.72
C ASP A 404 -6.99 -4.04 -8.15
N GLY A 405 -5.92 -3.25 -7.98
CA GLY A 405 -5.94 -1.82 -8.30
C GLY A 405 -5.90 -1.50 -9.79
N GLY A 406 -5.53 -2.44 -10.64
CA GLY A 406 -5.64 -2.26 -12.07
C GLY A 406 -4.36 -2.25 -12.89
N ASN A 407 -3.25 -2.77 -12.36
CA ASN A 407 -2.00 -2.77 -13.13
C ASN A 407 -2.12 -3.68 -14.36
N ARG A 408 -1.13 -3.57 -15.26
CA ARG A 408 -1.21 -4.22 -16.56
C ARG A 408 -0.94 -5.72 -16.52
N GLU A 409 -0.53 -6.25 -15.36
CA GLU A 409 -0.35 -7.69 -15.26
C GLU A 409 -1.70 -8.41 -15.29
N LYS A 410 -1.65 -9.70 -15.61
CA LYS A 410 -2.89 -10.44 -15.78
C LYS A 410 -3.64 -10.53 -14.47
N MET A 411 -4.96 -10.51 -14.58
CA MET A 411 -5.86 -10.69 -13.44
CA MET A 411 -5.80 -10.68 -13.40
C MET A 411 -5.76 -12.12 -12.92
N ALA A 412 -5.88 -12.29 -11.61
CA ALA A 412 -5.95 -13.61 -11.02
C ALA A 412 -7.35 -14.15 -11.23
N THR A 413 -7.48 -15.21 -12.01
CA THR A 413 -8.77 -15.82 -12.29
C THR A 413 -8.83 -17.28 -11.87
N THR A 414 -7.75 -18.02 -12.06
CA THR A 414 -7.70 -19.42 -11.66
C THR A 414 -7.65 -19.55 -10.15
N HIS A 415 -8.42 -20.48 -9.60
CA HIS A 415 -8.37 -20.78 -8.17
C HIS A 415 -7.58 -22.06 -7.93
N ALA A 416 -6.82 -22.09 -6.84
CA ALA A 416 -6.06 -23.29 -6.51
C ALA A 416 -6.97 -24.49 -6.35
N ASP A 417 -8.23 -24.27 -5.94
CA ASP A 417 -9.18 -25.36 -5.76
C ASP A 417 -9.89 -25.77 -7.05
N ASP A 418 -9.65 -25.05 -8.15
CA ASP A 418 -10.22 -25.44 -9.43
C ASP A 418 -9.68 -26.81 -9.83
N PRO A 419 -10.49 -27.66 -10.47
CA PRO A 419 -10.03 -29.00 -10.83
C PRO A 419 -8.69 -28.96 -11.56
N GLY A 420 -7.74 -29.75 -11.06
CA GLY A 420 -6.44 -29.88 -11.67
C GLY A 420 -5.54 -28.66 -11.57
N ARG A 421 -5.92 -27.66 -10.79
CA ARG A 421 -5.20 -26.40 -10.73
C ARG A 421 -4.34 -26.26 -9.48
N CYS A 422 -4.30 -27.26 -8.61
CA CYS A 422 -3.51 -27.13 -7.39
C CYS A 422 -2.03 -27.07 -7.76
N PRO A 423 -1.31 -26.02 -7.39
CA PRO A 423 0.11 -25.94 -7.75
C PRO A 423 0.95 -26.93 -6.96
N GLU A 424 2.09 -27.28 -7.55
CA GLU A 424 3.03 -28.13 -6.85
C GLU A 424 3.57 -27.41 -5.61
N PRO A 425 3.61 -28.07 -4.45
CA PRO A 425 4.05 -27.36 -3.23
C PRO A 425 5.37 -26.64 -3.39
N MET A 426 6.39 -27.31 -3.94
CA MET A 426 7.71 -26.69 -4.05
C MET A 426 7.74 -25.49 -4.96
N SER A 427 6.67 -25.24 -5.73
CA SER A 427 6.65 -24.10 -6.63
C SER A 427 6.05 -22.84 -6.01
N THR A 428 5.70 -22.86 -4.71
CA THR A 428 4.97 -21.73 -4.14
C THR A 428 5.82 -20.71 -3.40
N PRO A 429 6.85 -21.10 -2.63
CA PRO A 429 7.52 -20.14 -1.75
C PRO A 429 8.05 -18.92 -2.50
N ASP A 430 7.98 -17.77 -1.84
CA ASP A 430 8.54 -16.54 -2.37
C ASP A 430 10.05 -16.70 -2.52
N ALA A 431 10.56 -16.51 -3.74
CA ALA A 431 11.98 -16.73 -3.99
C ALA A 431 12.84 -15.68 -3.29
N PHE A 432 12.42 -14.41 -3.33
CA PHE A 432 13.21 -13.33 -2.74
C PHE A 432 13.46 -13.59 -1.26
N MET A 433 12.42 -13.97 -0.52
CA MET A 433 12.54 -14.20 0.91
C MET A 433 13.00 -15.61 1.25
N GLY A 434 12.77 -16.58 0.37
CA GLY A 434 13.21 -17.94 0.61
C GLY A 434 12.40 -18.64 1.69
N GLY A 435 12.90 -19.81 2.09
CA GLY A 435 12.24 -20.65 3.06
C GLY A 435 11.08 -21.43 2.45
N PHE A 436 10.70 -22.50 3.13
CA PHE A 436 9.53 -23.28 2.74
C PHE A 436 8.75 -23.69 3.97
N CYS A 437 7.47 -23.31 3.99
CA CYS A 437 6.63 -23.51 5.17
C CYS A 437 5.27 -24.10 4.86
N ALA A 438 4.93 -24.31 3.58
CA ALA A 438 3.59 -24.68 3.16
C ALA A 438 3.48 -26.19 3.04
N PHE A 439 3.05 -26.83 4.11
CA PHE A 439 2.86 -28.27 4.13
C PHE A 439 1.38 -28.62 3.96
N ASN A 440 1.13 -29.86 3.52
CA ASN A 440 -0.23 -30.32 3.34
C ASN A 440 -1.00 -30.24 4.66
N PHE A 441 -2.31 -30.04 4.55
CA PHE A 441 -3.14 -29.92 5.73
C PHE A 441 -3.21 -31.25 6.45
N THR A 442 -3.27 -31.19 7.78
CA THR A 442 -3.34 -32.38 8.61
C THR A 442 -4.70 -32.55 9.26
N SER A 443 -5.61 -31.63 9.04
CA SER A 443 -6.96 -31.71 9.58
C SER A 443 -7.90 -30.95 8.66
N GLY A 444 -9.19 -31.02 8.97
CA GLY A 444 -10.20 -30.32 8.22
C GLY A 444 -10.53 -31.02 6.91
N PRO A 445 -11.43 -30.42 6.13
CA PRO A 445 -11.89 -31.09 4.90
C PRO A 445 -10.78 -31.44 3.93
N ALA A 446 -9.72 -30.64 3.87
CA ALA A 446 -8.62 -30.85 2.94
C ALA A 446 -7.46 -31.61 3.57
N ALA A 447 -7.68 -32.24 4.72
CA ALA A 447 -6.62 -33.03 5.34
C ALA A 447 -5.99 -33.97 4.33
N GLY A 448 -4.66 -33.96 4.28
CA GLY A 448 -3.90 -34.79 3.38
C GLY A 448 -3.48 -34.13 2.09
N SER A 449 -4.06 -32.97 1.76
CA SER A 449 -3.83 -32.30 0.49
C SER A 449 -3.22 -30.92 0.71
N PHE A 450 -2.73 -30.35 -0.40
CA PHE A 450 -2.16 -29.01 -0.44
C PHE A 450 -3.21 -27.94 -0.72
N CYS A 451 -4.35 -28.33 -1.30
CA CYS A 451 -5.44 -27.44 -1.68
C CYS A 451 -6.76 -28.14 -1.40
N TRP A 452 -7.84 -27.37 -1.36
CA TRP A 452 -9.17 -27.95 -1.38
C TRP A 452 -9.59 -28.30 -2.82
N ASP A 453 -10.72 -28.98 -2.96
CA ASP A 453 -11.31 -29.20 -4.28
C ASP A 453 -12.55 -28.33 -4.50
N ARG A 454 -12.72 -27.31 -3.66
CA ARG A 454 -13.77 -26.32 -3.78
C ARG A 454 -13.32 -25.12 -2.96
N GLN A 455 -14.08 -24.02 -3.06
CA GLN A 455 -13.71 -22.82 -2.33
C GLN A 455 -13.56 -23.12 -0.84
N PRO A 456 -12.39 -22.85 -0.25
CA PRO A 456 -12.20 -23.13 1.17
C PRO A 456 -13.19 -22.36 2.03
N ASP A 457 -13.61 -22.98 3.13
CA ASP A 457 -14.64 -22.38 3.98
C ASP A 457 -14.16 -21.11 4.69
N TYR A 458 -12.84 -20.87 4.76
CA TYR A 458 -12.35 -19.61 5.33
C TYR A 458 -12.36 -18.46 4.33
N SER A 459 -12.71 -18.72 3.07
CA SER A 459 -12.89 -17.69 2.04
C SER A 459 -14.37 -17.32 1.96
N ALA A 460 -14.71 -16.10 2.39
CA ALA A 460 -16.11 -15.65 2.35
C ALA A 460 -16.53 -15.20 0.96
N TYR A 461 -15.64 -14.52 0.24
CA TYR A 461 -16.03 -13.85 -1.00
C TYR A 461 -14.79 -13.69 -1.87
N ARG A 462 -14.89 -14.04 -3.14
CA ARG A 462 -13.78 -13.79 -4.04
C ARG A 462 -14.31 -13.43 -5.41
N GLU A 463 -13.70 -12.42 -6.03
CA GLU A 463 -14.15 -11.95 -7.34
C GLU A 463 -12.98 -11.41 -8.12
N SER A 464 -12.89 -11.81 -9.39
CA SER A 464 -11.80 -11.36 -10.26
C SER A 464 -12.22 -10.06 -10.94
N SER A 465 -12.19 -8.96 -10.17
CA SER A 465 -12.50 -7.64 -10.68
C SER A 465 -11.54 -6.62 -10.10
N PHE A 466 -11.29 -5.54 -10.84
CA PHE A 466 -10.55 -4.41 -10.32
C PHE A 466 -11.46 -3.57 -9.42
N GLY A 467 -10.86 -2.87 -8.46
CA GLY A 467 -11.65 -2.01 -7.60
C GLY A 467 -10.83 -1.54 -6.41
N HIS A 468 -11.54 -1.01 -5.42
CA HIS A 468 -10.94 -0.47 -4.21
C HIS A 468 -11.90 -0.71 -3.06
N GLY A 469 -11.39 -0.62 -1.84
CA GLY A 469 -12.25 -0.78 -0.67
C GLY A 469 -12.31 0.48 0.15
N ILE A 470 -13.37 0.61 0.97
CA ILE A 470 -13.55 1.71 1.89
C ILE A 470 -13.88 1.14 3.25
N LEU A 471 -13.12 1.51 4.27
CA LEU A 471 -13.38 1.10 5.64
C LEU A 471 -13.96 2.28 6.40
N GLU A 472 -15.12 2.08 7.00
CA GLU A 472 -15.83 3.12 7.76
C GLU A 472 -15.97 2.62 9.20
N VAL A 473 -15.01 2.96 10.06
CA VAL A 473 -15.10 2.56 11.46
C VAL A 473 -16.11 3.45 12.15
N LYS A 474 -17.11 2.85 12.79
CA LYS A 474 -18.22 3.58 13.40
C LYS A 474 -18.02 3.85 14.89
N ASN A 475 -17.47 2.90 15.63
CA ASN A 475 -17.26 3.03 17.07
C ASN A 475 -16.31 1.92 17.49
N GLU A 476 -16.19 1.71 18.81
CA GLU A 476 -15.18 0.78 19.32
CA GLU A 476 -15.20 0.78 19.33
C GLU A 476 -15.46 -0.66 18.93
N THR A 477 -16.68 -0.99 18.47
CA THR A 477 -16.95 -2.39 18.13
C THR A 477 -17.36 -2.65 16.68
N HIS A 478 -17.77 -1.64 15.92
CA HIS A 478 -18.32 -1.88 14.58
C HIS A 478 -17.56 -1.08 13.53
N ALA A 479 -17.17 -1.76 12.45
CA ALA A 479 -16.63 -1.09 11.28
C ALA A 479 -17.33 -1.63 10.03
N LEU A 480 -17.73 -0.74 9.14
CA LEU A 480 -18.38 -1.14 7.89
C LEU A 480 -17.33 -1.20 6.79
N TRP A 481 -17.20 -2.37 6.17
CA TRP A 481 -16.30 -2.56 5.04
C TRP A 481 -17.11 -2.61 3.75
N LYS A 482 -16.67 -1.85 2.75
CA LYS A 482 -17.28 -1.85 1.43
C LYS A 482 -16.19 -2.00 0.38
N TRP A 483 -16.37 -2.95 -0.53
CA TRP A 483 -15.49 -3.08 -1.68
C TRP A 483 -16.29 -2.73 -2.93
N HIS A 484 -15.73 -1.89 -3.80
CA HIS A 484 -16.40 -1.38 -4.97
C HIS A 484 -15.69 -1.87 -6.22
N ARG A 485 -16.42 -2.51 -7.13
CA ARG A 485 -15.81 -2.95 -8.37
C ARG A 485 -15.77 -1.80 -9.39
N ASN A 486 -14.73 -1.80 -10.23
CA ASN A 486 -14.55 -0.69 -11.16
C ASN A 486 -15.65 -0.65 -12.21
N GLN A 487 -16.13 -1.81 -12.66
CA GLN A 487 -17.06 -1.79 -13.77
C GLN A 487 -18.45 -1.30 -13.37
N ASP A 488 -18.71 -1.17 -12.08
CA ASP A 488 -19.95 -0.58 -11.57
C ASP A 488 -19.72 0.90 -11.33
N LEU A 489 -20.45 1.74 -12.04
CA LEU A 489 -20.30 3.19 -11.90
C LEU A 489 -21.55 3.87 -11.36
N TYR A 490 -22.64 3.15 -11.12
CA TYR A 490 -23.84 3.82 -10.66
C TYR A 490 -23.74 4.18 -9.19
N GLN A 491 -24.53 5.18 -8.78
CA GLN A 491 -24.45 5.68 -7.42
C GLN A 491 -24.80 4.59 -6.42
N GLY A 492 -23.97 4.44 -5.39
CA GLY A 492 -24.22 3.46 -4.36
C GLY A 492 -23.80 2.04 -4.68
N ALA A 493 -23.16 1.81 -5.83
CA ALA A 493 -22.74 0.46 -6.19
C ALA A 493 -21.75 -0.09 -5.18
N VAL A 494 -21.96 -1.33 -4.76
CA VAL A 494 -21.06 -2.03 -3.86
C VAL A 494 -21.04 -3.50 -4.25
N GLY A 495 -19.83 -4.07 -4.34
CA GLY A 495 -19.71 -5.47 -4.67
C GLY A 495 -19.79 -6.38 -3.46
N ASP A 496 -19.18 -5.94 -2.36
CA ASP A 496 -19.11 -6.73 -1.14
C ASP A 496 -19.19 -5.75 0.02
N GLU A 497 -20.01 -6.11 1.01
CA GLU A 497 -20.21 -5.21 2.15
C GLU A 497 -20.50 -6.04 3.38
N ILE A 498 -19.84 -5.73 4.49
CA ILE A 498 -20.08 -6.46 5.73
C ILE A 498 -19.69 -5.57 6.90
N TYR A 499 -20.42 -5.72 8.00
CA TYR A 499 -20.03 -5.12 9.27
C TYR A 499 -19.03 -6.06 9.95
N ILE A 500 -17.83 -5.55 10.22
CA ILE A 500 -16.84 -6.26 11.01
C ILE A 500 -17.06 -5.85 12.45
N VAL A 501 -17.41 -6.81 13.31
CA VAL A 501 -17.75 -6.51 14.70
C VAL A 501 -16.71 -7.17 15.59
N ARG A 502 -16.09 -6.37 16.44
CA ARG A 502 -15.13 -6.92 17.37
C ARG A 502 -15.76 -7.08 18.74
N GLU A 503 -15.23 -8.04 19.49
CA GLU A 503 -15.76 -8.47 20.79
C GLU A 503 -14.60 -8.51 21.76
N PRO A 504 -14.16 -7.33 22.24
CA PRO A 504 -12.94 -7.31 23.06
C PRO A 504 -13.04 -8.17 24.31
N GLU A 505 -14.22 -8.25 24.94
CA GLU A 505 -14.35 -9.08 26.14
C GLU A 505 -14.23 -10.56 25.83
N ARG A 506 -14.51 -10.94 24.59
CA ARG A 506 -14.41 -12.35 24.18
C ARG A 506 -12.97 -12.75 23.89
N CYS A 507 -12.22 -11.86 23.25
CA CYS A 507 -10.96 -12.24 22.63
C CYS A 507 -9.73 -11.65 23.31
N LEU A 508 -9.84 -10.47 23.91
CA LEU A 508 -8.70 -9.86 24.61
C LEU A 508 -8.73 -10.31 26.07
#